data_8QS9
#
_entry.id   8QS9
#
_cell.length_a   62.594
_cell.length_b   149.558
_cell.length_c   76.686
_cell.angle_alpha   90.00
_cell.angle_beta   90.00
_cell.angle_gamma   90.00
#
_symmetry.space_group_name_H-M   'C 2 2 2'
#
loop_
_entity.id
_entity.type
_entity.pdbx_description
1 polymer '14-3-3 protein sigma'
2 polymer 'C-RAF peptide pS259'
3 non-polymer 'CHLORIDE ION'
4 non-polymer 'MAGNESIUM ION'
5 non-polymer 1-[8-(4-bromanyl-3-fluoranyl-phenyl)sulfonyl-2,8-diazaspiro[3.5]nonan-2-yl]-2-chloranyl-ethanone
6 water water
#
loop_
_entity_poly.entity_id
_entity_poly.type
_entity_poly.pdbx_seq_one_letter_code
_entity_poly.pdbx_strand_id
1 'polypeptide(L)'
;GAMGSMERASLIQKAKLAEQAERYEDMAAFMKGAVEKGEELSCEERNLLSVAYKNVVGGQRAAWRVLSSIEQKSNEEGSE
EKGPEVREYREKVETELQGVCDTVLGLLDSHLIKEAGDAESRVFYLKMKGDYYRYLAEVATGDDKKRIIDSARSAYQEAM
DISKKEMPPTNPIRLGLALNFSVFHYEIANSPEEAISLAKTTFDEAMADLHTLSEDSYKDSTLIMQLLRDNLTLWT
;
A
2 'polypeptide(L)' QRST(SEP)TPNVH P
#
# COMPACT_ATOMS: atom_id res chain seq x y z
N GLY A 1 -1.95 21.14 13.23
CA GLY A 1 -2.97 20.11 13.13
C GLY A 1 -3.58 19.81 14.48
N ALA A 2 -4.59 18.95 14.47
CA ALA A 2 -5.33 18.60 15.67
C ALA A 2 -4.47 17.87 16.71
N MET A 3 -3.36 17.28 16.28
CA MET A 3 -2.44 16.55 17.16
C MET A 3 -1.23 17.39 17.53
N GLY A 4 -1.23 18.67 17.15
CA GLY A 4 -0.06 19.52 17.31
C GLY A 4 0.39 19.64 18.75
N SER A 5 -0.54 19.62 19.70
CA SER A 5 -0.15 19.87 21.09
C SER A 5 0.25 18.61 21.85
N MET A 6 0.10 17.43 21.25
CA MET A 6 0.41 16.21 21.96
C MET A 6 1.85 15.76 21.71
N GLU A 7 2.50 15.24 22.75
CA GLU A 7 3.85 14.74 22.58
C GLU A 7 3.91 13.57 21.63
N ARG A 8 5.00 13.53 20.84
CA ARG A 8 5.22 12.42 19.90
C ARG A 8 5.01 11.07 20.59
N ALA A 9 5.65 10.87 21.75
CA ALA A 9 5.57 9.55 22.41
C ALA A 9 4.13 9.20 22.78
N SER A 10 3.35 10.20 23.22
CA SER A 10 1.94 10.01 23.54
C SER A 10 1.15 9.67 22.29
N LEU A 11 1.49 10.28 21.16
CA LEU A 11 0.82 9.92 19.90
C LEU A 11 1.11 8.47 19.52
N ILE A 12 2.35 8.00 19.71
CA ILE A 12 2.68 6.61 19.40
C ILE A 12 1.89 5.66 20.28
N GLN A 13 1.88 5.96 21.58
CA GLN A 13 1.14 5.17 22.56
C GLN A 13 -0.34 5.07 22.20
N LYS A 14 -0.95 6.20 21.82
CA LYS A 14 -2.37 6.21 21.52
C LYS A 14 -2.66 5.50 20.20
N ALA A 15 -1.73 5.55 19.24
CA ALA A 15 -1.94 4.79 18.02
C ALA A 15 -1.96 3.30 18.34
N LYS A 16 -1.13 2.88 19.29
CA LYS A 16 -1.14 1.47 19.69
C LYS A 16 -2.42 1.10 20.41
N LEU A 17 -2.94 1.99 21.25
CA LEU A 17 -4.24 1.75 21.87
C LEU A 17 -5.35 1.69 20.84
N ALA A 18 -5.33 2.62 19.88
CA ALA A 18 -6.34 2.65 18.83
C ALA A 18 -6.30 1.37 18.00
N GLU A 19 -5.10 0.84 17.75
CA GLU A 19 -5.02 -0.45 17.06
C GLU A 19 -5.69 -1.55 17.89
N GLN A 20 -5.40 -1.61 19.20
CA GLN A 20 -6.06 -2.61 20.03
C GLN A 20 -7.56 -2.41 20.07
N ALA A 21 -8.02 -1.17 19.99
CA ALA A 21 -9.45 -0.92 19.99
C ALA A 21 -10.07 -1.08 18.61
N GLU A 22 -9.28 -1.40 17.59
CA GLU A 22 -9.73 -1.44 16.19
C GLU A 22 -10.34 -0.10 15.77
N ARG A 23 -9.71 0.98 16.20
CA ARG A 23 -10.16 2.33 15.87
C ARG A 23 -9.18 2.89 14.85
N TYR A 24 -9.32 2.47 13.60
CA TYR A 24 -8.21 2.69 12.67
C TYR A 24 -8.16 4.13 12.16
N GLU A 25 -9.29 4.83 12.09
CA GLU A 25 -9.21 6.24 11.74
C GLU A 25 -8.45 7.04 12.81
N ASP A 26 -8.81 6.83 14.08
CA ASP A 26 -8.05 7.42 15.19
C ASP A 26 -6.57 7.08 15.07
N MET A 27 -6.29 5.79 14.88
CA MET A 27 -4.94 5.30 14.72
C MET A 27 -4.19 6.08 13.65
N ALA A 28 -4.82 6.24 12.48
CA ALA A 28 -4.20 6.98 11.38
C ALA A 28 -3.95 8.44 11.76
N ALA A 29 -4.92 9.07 12.42
CA ALA A 29 -4.75 10.46 12.85
C ALA A 29 -3.59 10.61 13.82
N PHE A 30 -3.50 9.71 14.81
CA PHE A 30 -2.38 9.71 15.76
C PHE A 30 -1.04 9.58 15.03
N MET A 31 -0.96 8.65 14.08
CA MET A 31 0.27 8.43 13.33
C MET A 31 0.59 9.60 12.41
N LYS A 32 -0.42 10.22 11.79
CA LYS A 32 -0.15 11.45 11.04
C LYS A 32 0.43 12.53 11.96
N GLY A 33 -0.16 12.70 13.14
CA GLY A 33 0.39 13.66 14.09
C GLY A 33 1.82 13.32 14.47
N ALA A 34 2.12 12.03 14.57
CA ALA A 34 3.47 11.62 14.92
C ALA A 34 4.43 11.92 13.78
N VAL A 35 4.04 11.58 12.55
CA VAL A 35 4.87 11.94 11.40
C VAL A 35 5.12 13.45 11.36
N GLU A 36 4.10 14.24 11.69
CA GLU A 36 4.27 15.69 11.55
C GLU A 36 5.20 16.27 12.59
N LYS A 37 5.65 15.48 13.56
CA LYS A 37 6.69 15.97 14.45
C LYS A 37 8.01 16.15 13.70
N GLY A 38 8.13 15.55 12.52
CA GLY A 38 9.31 15.74 11.71
C GLY A 38 10.49 14.88 12.08
N GLU A 39 10.31 13.86 12.90
CA GLU A 39 11.36 12.89 13.17
C GLU A 39 11.09 11.62 12.37
N GLU A 40 12.16 10.86 12.13
CA GLU A 40 12.04 9.61 11.39
C GLU A 40 11.16 8.64 12.15
N LEU A 41 10.62 7.68 11.43
CA LEU A 41 9.85 6.62 12.03
C LEU A 41 10.71 5.37 12.08
N SER A 42 10.60 4.63 13.19
CA SER A 42 11.21 3.32 13.26
C SER A 42 10.41 2.30 12.45
N CYS A 43 11.00 1.11 12.32
CA CYS A 43 10.28 -0.01 11.68
C CYS A 43 8.92 -0.26 12.36
N GLU A 44 8.89 -0.27 13.68
CA GLU A 44 7.63 -0.53 14.37
C GLU A 44 6.62 0.59 14.11
N GLU A 45 7.12 1.84 14.03
CA GLU A 45 6.21 2.97 13.80
C GLU A 45 5.72 2.98 12.37
N ARG A 46 6.57 2.58 11.42
CA ARG A 46 6.11 2.42 10.06
C ARG A 46 4.97 1.41 9.99
N ASN A 47 5.06 0.35 10.79
CA ASN A 47 3.97 -0.64 10.81
C ASN A 47 2.69 -0.02 11.31
N LEU A 48 2.76 0.78 12.37
CA LEU A 48 1.57 1.46 12.86
C LEU A 48 0.97 2.35 11.77
N LEU A 49 1.81 3.15 11.12
CA LEU A 49 1.32 4.03 10.07
C LEU A 49 0.66 3.24 8.96
N SER A 50 1.35 2.20 8.51
CA SER A 50 0.86 1.36 7.42
C SER A 50 -0.46 0.69 7.79
N VAL A 51 -0.51 0.06 8.96
CA VAL A 51 -1.72 -0.68 9.34
C VAL A 51 -2.92 0.27 9.42
N ALA A 52 -2.71 1.45 10.00
CA ALA A 52 -3.82 2.38 10.19
C ALA A 52 -4.38 2.80 8.85
N TYR A 53 -3.54 3.33 7.98
CA TYR A 53 -4.03 3.85 6.72
C TYR A 53 -4.52 2.75 5.79
N LYS A 54 -3.86 1.59 5.80
CA LYS A 54 -4.35 0.48 4.96
C LYS A 54 -5.76 0.05 5.39
N ASN A 55 -6.01 -0.03 6.69
CA ASN A 55 -7.34 -0.33 7.19
C ASN A 55 -8.37 0.70 6.73
N VAL A 56 -8.04 1.99 6.85
CA VAL A 56 -8.99 3.02 6.45
C VAL A 56 -9.29 2.91 4.96
N VAL A 57 -8.25 2.95 4.12
CA VAL A 57 -8.47 2.95 2.68
C VAL A 57 -9.02 1.60 2.24
N GLY A 58 -8.66 0.50 2.94
CA GLY A 58 -9.22 -0.81 2.62
C GLY A 58 -10.73 -0.85 2.75
N GLY A 59 -11.27 -0.28 3.83
CA GLY A 59 -12.72 -0.19 3.97
C GLY A 59 -13.35 0.68 2.90
N GLN A 60 -12.67 1.78 2.52
CA GLN A 60 -13.19 2.62 1.46
C GLN A 60 -13.16 1.91 0.12
N ARG A 61 -12.04 1.22 -0.20
CA ARG A 61 -11.94 0.47 -1.44
C ARG A 61 -13.04 -0.59 -1.53
N ALA A 62 -13.28 -1.31 -0.42
CA ALA A 62 -14.30 -2.36 -0.43
C ALA A 62 -15.69 -1.78 -0.66
N ALA A 63 -16.00 -0.67 0.02
CA ALA A 63 -17.25 0.05 -0.20
C ALA A 63 -17.37 0.51 -1.65
N TRP A 64 -16.33 1.17 -2.16
CA TRP A 64 -16.34 1.65 -3.54
C TRP A 64 -16.62 0.52 -4.51
N ARG A 65 -16.00 -0.65 -4.29
CA ARG A 65 -16.21 -1.76 -5.20
C ARG A 65 -17.65 -2.25 -5.16
N VAL A 66 -18.24 -2.32 -3.96
CA VAL A 66 -19.65 -2.72 -3.86
C VAL A 66 -20.53 -1.77 -4.66
N LEU A 67 -20.30 -0.48 -4.47
CA LEU A 67 -21.18 0.52 -5.09
C LEU A 67 -20.96 0.56 -6.59
N SER A 68 -19.71 0.41 -7.02
CA SER A 68 -19.39 0.43 -8.45
C SER A 68 -20.02 -0.77 -9.15
N SER A 69 -20.01 -1.92 -8.49
CA SER A 69 -20.64 -3.09 -9.08
C SER A 69 -22.16 -2.88 -9.21
N ILE A 70 -22.78 -2.27 -8.19
CA ILE A 70 -24.19 -1.94 -8.31
C ILE A 70 -24.40 -0.94 -9.44
N GLU A 71 -23.51 0.05 -9.53
CA GLU A 71 -23.65 1.07 -10.55
C GLU A 71 -23.54 0.48 -11.95
N GLN A 72 -22.56 -0.41 -12.17
CA GLN A 72 -22.40 -0.99 -13.50
C GLN A 72 -23.58 -1.88 -13.87
N LYS A 73 -24.14 -2.59 -12.88
CA LYS A 73 -25.28 -3.47 -13.16
C LYS A 73 -26.55 -2.67 -13.41
N SER A 74 -26.65 -1.47 -12.83
CA SER A 74 -27.77 -0.59 -13.15
C SER A 74 -27.57 0.15 -14.46
N ASN A 75 -26.43 -0.03 -15.12
CA ASN A 75 -26.16 0.54 -16.43
C ASN A 75 -26.10 -0.51 -17.53
N GLU A 76 -26.80 -1.64 -17.33
CA GLU A 76 -26.94 -2.68 -18.35
C GLU A 76 -28.39 -3.15 -18.37
N GLU A 77 -29.05 -2.99 -19.51
CA GLU A 77 -30.47 -3.34 -19.70
C GLU A 77 -31.40 -2.80 -18.60
N LYS A 82 -32.23 3.58 -11.91
CA LYS A 82 -32.65 4.60 -12.87
C LYS A 82 -32.23 6.01 -12.40
N GLY A 83 -32.43 6.30 -11.12
CA GLY A 83 -32.08 7.61 -10.57
C GLY A 83 -30.59 7.78 -10.37
N PRO A 84 -30.21 8.97 -9.92
CA PRO A 84 -28.79 9.28 -9.77
C PRO A 84 -28.17 8.76 -8.48
N GLU A 85 -28.94 8.11 -7.61
CA GLU A 85 -28.50 7.91 -6.23
C GLU A 85 -27.26 7.02 -6.14
N VAL A 86 -27.21 5.92 -6.90
CA VAL A 86 -26.04 5.04 -6.82
C VAL A 86 -24.78 5.80 -7.25
N ARG A 87 -24.85 6.49 -8.41
CA ARG A 87 -23.69 7.24 -8.88
C ARG A 87 -23.25 8.29 -7.85
N GLU A 88 -24.22 9.05 -7.32
CA GLU A 88 -23.91 10.08 -6.33
C GLU A 88 -23.19 9.49 -5.12
N TYR A 89 -23.71 8.39 -4.59
CA TYR A 89 -23.11 7.84 -3.37
C TYR A 89 -21.77 7.21 -3.68
N ARG A 90 -21.63 6.57 -4.84
CA ARG A 90 -20.32 6.07 -5.25
C ARG A 90 -19.32 7.20 -5.37
N GLU A 91 -19.76 8.35 -5.91
CA GLU A 91 -18.88 9.52 -6.01
C GLU A 91 -18.49 10.02 -4.62
N LYS A 92 -19.43 9.96 -3.67
CA LYS A 92 -19.15 10.42 -2.32
C LYS A 92 -18.07 9.56 -1.68
N VAL A 93 -18.20 8.23 -1.79
CA VAL A 93 -17.18 7.34 -1.24
C VAL A 93 -15.86 7.52 -1.99
N GLU A 94 -15.95 7.61 -3.31
CA GLU A 94 -14.75 7.84 -4.13
C GLU A 94 -14.01 9.10 -3.70
N THR A 95 -14.74 10.18 -3.45
CA THR A 95 -14.07 11.40 -3.05
C THR A 95 -13.37 11.26 -1.70
N GLU A 96 -14.01 10.59 -0.74
CA GLU A 96 -13.33 10.34 0.53
C GLU A 96 -12.09 9.48 0.35
N LEU A 97 -12.17 8.46 -0.50
CA LEU A 97 -11.02 7.58 -0.72
C LEU A 97 -9.85 8.38 -1.30
N GLN A 98 -10.14 9.21 -2.29
CA GLN A 98 -9.08 10.03 -2.87
C GLN A 98 -8.51 10.97 -1.83
N GLY A 99 -9.36 11.46 -0.90
CA GLY A 99 -8.86 12.35 0.14
C GLY A 99 -7.88 11.66 1.08
N VAL A 100 -8.15 10.39 1.40
CA VAL A 100 -7.24 9.62 2.24
C VAL A 100 -5.95 9.33 1.49
N CYS A 101 -6.05 8.97 0.21
CA CYS A 101 -4.84 8.74 -0.58
C CYS A 101 -4.00 10.02 -0.72
N ASP A 102 -4.67 11.17 -0.90
CA ASP A 102 -3.96 12.44 -0.99
C ASP A 102 -3.22 12.73 0.32
N THR A 103 -3.87 12.45 1.44
CA THR A 103 -3.26 12.68 2.76
C THR A 103 -2.00 11.84 2.92
N VAL A 104 -2.09 10.54 2.60
CA VAL A 104 -0.93 9.66 2.73
C VAL A 104 0.19 10.11 1.82
N LEU A 105 -0.14 10.37 0.55
CA LEU A 105 0.88 10.78 -0.40
C LEU A 105 1.51 12.11 0.02
N GLY A 106 0.71 13.00 0.61
CA GLY A 106 1.27 14.25 1.10
C GLY A 106 2.25 14.04 2.23
N LEU A 107 1.92 13.11 3.15
CA LEU A 107 2.84 12.77 4.24
C LEU A 107 4.14 12.19 3.71
N LEU A 108 4.01 11.26 2.76
CA LEU A 108 5.18 10.68 2.13
C LEU A 108 6.04 11.77 1.52
N ASP A 109 5.42 12.65 0.74
CA ASP A 109 6.20 13.68 0.05
C ASP A 109 6.69 14.74 1.02
N SER A 110 5.87 15.14 2.00
CA SER A 110 6.29 16.25 2.86
C SER A 110 7.27 15.81 3.93
N HIS A 111 7.17 14.58 4.37
CA HIS A 111 7.86 14.23 5.60
C HIS A 111 8.71 12.97 5.50
N LEU A 112 8.22 11.93 4.83
CA LEU A 112 8.79 10.59 5.00
C LEU A 112 9.83 10.22 3.93
N ILE A 113 9.58 10.53 2.65
CA ILE A 113 10.48 10.11 1.58
C ILE A 113 11.70 11.03 1.60
N LYS A 114 12.87 10.47 1.93
CA LYS A 114 14.09 11.25 2.04
C LYS A 114 15.18 10.60 1.21
N GLU A 115 16.25 11.38 1.03
CA GLU A 115 17.43 10.98 0.27
C GLU A 115 18.24 9.95 1.04
N ALA A 116 18.39 10.14 2.36
CA ALA A 116 19.17 9.28 3.22
C ALA A 116 18.25 8.35 4.02
N GLY A 117 18.78 7.78 5.09
CA GLY A 117 18.12 6.73 5.83
C GLY A 117 18.43 5.36 5.24
N ASP A 118 18.04 4.32 5.97
CA ASP A 118 18.42 2.99 5.56
C ASP A 118 17.56 2.53 4.37
N ALA A 119 18.00 1.45 3.73
CA ALA A 119 17.28 0.95 2.56
C ALA A 119 15.86 0.53 2.91
N GLU A 120 15.68 -0.07 4.09
CA GLU A 120 14.34 -0.48 4.51
C GLU A 120 13.37 0.69 4.43
N SER A 121 13.69 1.79 5.13
CA SER A 121 12.76 2.91 5.14
C SER A 121 12.58 3.49 3.74
N ARG A 122 13.68 3.63 2.98
CA ARG A 122 13.55 4.21 1.64
C ARG A 122 12.68 3.34 0.74
N VAL A 123 12.91 2.01 0.76
CA VAL A 123 12.08 1.10 -0.04
C VAL A 123 10.64 1.12 0.48
N PHE A 124 10.46 1.03 1.81
CA PHE A 124 9.10 0.96 2.31
C PHE A 124 8.28 2.16 1.87
N TYR A 125 8.83 3.39 2.01
CA TYR A 125 8.05 4.59 1.71
C TYR A 125 7.77 4.70 0.21
N LEU A 126 8.73 4.34 -0.63
CA LEU A 126 8.48 4.37 -2.06
C LEU A 126 7.43 3.32 -2.44
N LYS A 127 7.50 2.13 -1.84
CA LYS A 127 6.43 1.15 -2.02
C LYS A 127 5.08 1.74 -1.62
N MET A 128 5.04 2.40 -0.45
CA MET A 128 3.78 3.00 -0.01
C MET A 128 3.28 4.05 -0.99
N LYS A 129 4.18 4.87 -1.53
CA LYS A 129 3.77 5.82 -2.55
C LYS A 129 3.15 5.11 -3.76
N GLY A 130 3.81 4.04 -4.23
CA GLY A 130 3.23 3.26 -5.32
C GLY A 130 1.85 2.70 -4.98
N ASP A 131 1.69 2.19 -3.77
CA ASP A 131 0.40 1.62 -3.36
C ASP A 131 -0.71 2.66 -3.40
N TYR A 132 -0.46 3.86 -2.84
CA TYR A 132 -1.58 4.79 -2.75
C TYR A 132 -1.85 5.48 -4.09
N TYR A 133 -0.84 5.59 -4.96
CA TYR A 133 -1.15 5.96 -6.34
C TYR A 133 -1.96 4.85 -7.02
N ARG A 134 -1.62 3.59 -6.72
CA ARG A 134 -2.40 2.49 -7.28
C ARG A 134 -3.85 2.55 -6.84
N TYR A 135 -4.10 2.85 -5.56
CA TYR A 135 -5.49 2.94 -5.08
C TYR A 135 -6.22 4.09 -5.76
N LEU A 136 -5.52 5.22 -6.00
CA LEU A 136 -6.13 6.29 -6.78
C LEU A 136 -6.42 5.84 -8.19
N ALA A 137 -5.52 5.02 -8.76
CA ALA A 137 -5.69 4.57 -10.14
C ALA A 137 -6.86 3.60 -10.28
N GLU A 138 -7.19 2.84 -9.22
CA GLU A 138 -8.37 1.98 -9.26
C GLU A 138 -9.66 2.76 -9.51
N VAL A 139 -9.72 4.04 -9.10
CA VAL A 139 -10.96 4.80 -9.25
C VAL A 139 -10.83 5.93 -10.26
N ALA A 140 -9.69 6.05 -10.93
CA ALA A 140 -9.40 7.22 -11.76
C ALA A 140 -10.00 7.10 -13.17
N THR A 141 -10.17 8.27 -13.82
CA THR A 141 -10.60 8.32 -15.21
C THR A 141 -9.84 9.40 -15.99
N GLY A 142 -9.47 9.09 -17.22
CA GLY A 142 -9.08 10.12 -18.18
C GLY A 142 -7.73 10.75 -17.86
N ASP A 143 -7.65 12.07 -18.11
CA ASP A 143 -6.38 12.77 -18.00
C ASP A 143 -5.79 12.65 -16.60
N ASP A 144 -6.65 12.65 -15.57
CA ASP A 144 -6.18 12.38 -14.22
C ASP A 144 -5.53 11.01 -14.12
N LYS A 145 -6.03 10.02 -14.87
CA LYS A 145 -5.67 8.63 -14.62
C LYS A 145 -4.31 8.25 -15.21
N LYS A 146 -4.00 8.78 -16.38
CA LYS A 146 -2.72 8.50 -17.00
C LYS A 146 -1.57 8.98 -16.12
N ARG A 147 -1.67 10.20 -15.59
CA ARG A 147 -0.61 10.70 -14.72
C ARG A 147 -0.53 9.91 -13.42
N ILE A 148 -1.65 9.34 -12.95
CA ILE A 148 -1.61 8.55 -11.73
C ILE A 148 -0.85 7.25 -11.94
N ILE A 149 -1.15 6.56 -13.04
CA ILE A 149 -0.51 5.27 -13.32
C ILE A 149 1.00 5.43 -13.52
N ASP A 150 1.41 6.47 -14.25
CA ASP A 150 2.84 6.74 -14.37
C ASP A 150 3.47 7.01 -13.01
N SER A 151 2.76 7.74 -12.14
CA SER A 151 3.30 8.05 -10.82
C SER A 151 3.49 6.79 -10.00
N ALA A 152 2.50 5.90 -9.98
CA ALA A 152 2.62 4.63 -9.29
C ALA A 152 3.80 3.81 -9.83
N ARG A 153 3.88 3.66 -11.16
CA ARG A 153 4.95 2.86 -11.75
C ARG A 153 6.33 3.40 -11.37
N SER A 154 6.54 4.72 -11.47
CA SER A 154 7.85 5.29 -11.16
C SER A 154 8.21 5.11 -9.68
N ALA A 155 7.24 5.22 -8.78
CA ALA A 155 7.53 4.97 -7.37
C ALA A 155 7.93 3.53 -7.15
N TYR A 156 7.15 2.59 -7.70
CA TYR A 156 7.47 1.16 -7.57
C TYR A 156 8.83 0.83 -8.17
N GLN A 157 9.15 1.44 -9.31
CA GLN A 157 10.40 1.11 -9.98
C GLN A 157 11.58 1.61 -9.18
N GLU A 158 11.47 2.82 -8.61
CA GLU A 158 12.57 3.31 -7.80
C GLU A 158 12.76 2.41 -6.58
N ALA A 159 11.66 1.95 -6.00
CA ALA A 159 11.78 1.08 -4.84
C ALA A 159 12.40 -0.26 -5.23
N MET A 160 12.00 -0.79 -6.38
CA MET A 160 12.55 -2.05 -6.89
C MET A 160 14.06 -1.95 -7.06
N ASP A 161 14.53 -0.87 -7.70
CA ASP A 161 15.96 -0.73 -7.96
C ASP A 161 16.77 -0.74 -6.67
N ILE A 162 16.33 0.06 -5.68
CA ILE A 162 16.97 0.08 -4.36
C ILE A 162 16.92 -1.30 -3.72
N SER A 163 15.74 -1.92 -3.70
CA SER A 163 15.59 -3.21 -3.04
C SER A 163 16.52 -4.26 -3.64
N LYS A 164 16.64 -4.30 -4.96
CA LYS A 164 17.49 -5.32 -5.58
C LYS A 164 18.97 -5.05 -5.27
N LYS A 165 19.35 -3.79 -5.10
CA LYS A 165 20.73 -3.43 -4.79
C LYS A 165 21.07 -3.67 -3.33
N GLU A 166 20.13 -3.40 -2.44
CA GLU A 166 20.46 -3.24 -1.03
C GLU A 166 19.84 -4.28 -0.12
N MET A 167 18.94 -5.14 -0.60
CA MET A 167 18.29 -6.09 0.29
C MET A 167 18.46 -7.51 -0.21
N PRO A 168 18.46 -8.49 0.70
CA PRO A 168 18.38 -9.90 0.29
C PRO A 168 17.07 -10.19 -0.41
N PRO A 169 17.04 -11.25 -1.22
CA PRO A 169 15.84 -11.58 -1.97
C PRO A 169 14.71 -12.12 -1.10
N THR A 170 14.95 -12.45 0.17
CA THR A 170 13.86 -12.86 1.06
C THR A 170 13.36 -11.71 1.93
N ASN A 171 13.97 -10.55 1.84
CA ASN A 171 13.58 -9.46 2.73
C ASN A 171 12.09 -9.15 2.57
N PRO A 172 11.32 -9.08 3.65
CA PRO A 172 9.85 -8.99 3.50
C PRO A 172 9.37 -7.69 2.86
N ILE A 173 10.07 -6.56 3.06
CA ILE A 173 9.74 -5.34 2.33
C ILE A 173 9.99 -5.53 0.83
N ARG A 174 11.13 -6.13 0.48
CA ARG A 174 11.41 -6.37 -0.94
C ARG A 174 10.37 -7.29 -1.54
N LEU A 175 10.02 -8.37 -0.83
CA LEU A 175 9.00 -9.30 -1.33
C LEU A 175 7.64 -8.61 -1.44
N GLY A 176 7.22 -7.92 -0.37
CA GLY A 176 5.93 -7.25 -0.40
C GLY A 176 5.85 -6.21 -1.49
N LEU A 177 6.92 -5.43 -1.68
CA LEU A 177 7.00 -4.50 -2.79
C LEU A 177 6.84 -5.21 -4.14
N ALA A 178 7.56 -6.31 -4.34
CA ALA A 178 7.45 -7.03 -5.62
C ALA A 178 6.05 -7.61 -5.81
N LEU A 179 5.49 -8.22 -4.75
CA LEU A 179 4.10 -8.65 -4.82
C LEU A 179 3.18 -7.51 -5.24
N ASN A 180 3.31 -6.34 -4.63
CA ASN A 180 2.37 -5.26 -4.94
C ASN A 180 2.61 -4.70 -6.35
N PHE A 181 3.88 -4.58 -6.76
CA PHE A 181 4.19 -4.19 -8.14
C PHE A 181 3.59 -5.16 -9.14
N SER A 182 3.64 -6.46 -8.87
CA SER A 182 3.06 -7.40 -9.81
C SER A 182 1.54 -7.23 -9.88
N VAL A 183 0.90 -6.94 -8.75
CA VAL A 183 -0.54 -6.66 -8.74
C VAL A 183 -0.83 -5.43 -9.59
N PHE A 184 -0.04 -4.37 -9.42
CA PHE A 184 -0.14 -3.20 -10.28
C PHE A 184 -0.08 -3.58 -11.76
N HIS A 185 0.91 -4.37 -12.14
CA HIS A 185 1.04 -4.77 -13.54
C HIS A 185 -0.20 -5.50 -14.03
N TYR A 186 -0.71 -6.42 -13.23
CA TYR A 186 -1.85 -7.21 -13.66
C TYR A 186 -3.14 -6.40 -13.64
N GLU A 187 -3.46 -5.77 -12.51
CA GLU A 187 -4.77 -5.17 -12.32
C GLU A 187 -4.87 -3.76 -12.87
N ILE A 188 -3.79 -3.00 -12.87
CA ILE A 188 -3.83 -1.59 -13.24
C ILE A 188 -3.27 -1.37 -14.64
N ALA A 189 -2.07 -1.87 -14.92
CA ALA A 189 -1.36 -1.56 -16.15
C ALA A 189 -1.80 -2.41 -17.31
N ASN A 190 -2.64 -3.41 -17.08
CA ASN A 190 -3.06 -4.36 -18.11
C ASN A 190 -1.85 -5.06 -18.74
N SER A 191 -0.89 -5.47 -17.90
CA SER A 191 0.33 -6.13 -18.34
C SER A 191 0.48 -7.48 -17.64
N PRO A 192 -0.38 -8.45 -17.98
CA PRO A 192 -0.32 -9.76 -17.28
C PRO A 192 1.03 -10.45 -17.38
N GLU A 193 1.70 -10.36 -18.52
CA GLU A 193 2.99 -11.03 -18.67
C GLU A 193 4.04 -10.40 -17.77
N GLU A 194 4.07 -9.06 -17.70
CA GLU A 194 5.00 -8.38 -16.79
C GLU A 194 4.73 -8.76 -15.35
N ALA A 195 3.45 -8.82 -14.96
CA ALA A 195 3.09 -9.25 -13.62
C ALA A 195 3.57 -10.67 -13.35
N ILE A 196 3.33 -11.57 -14.28
CA ILE A 196 3.65 -12.97 -14.07
C ILE A 196 5.16 -13.17 -14.00
N SER A 197 5.91 -12.54 -14.91
CA SER A 197 7.35 -12.74 -14.86
C SER A 197 7.93 -12.11 -13.60
N LEU A 198 7.38 -11.01 -13.12
CA LEU A 198 7.92 -10.44 -11.88
C LEU A 198 7.60 -11.33 -10.69
N ALA A 199 6.36 -11.80 -10.58
CA ALA A 199 6.01 -12.67 -9.47
C ALA A 199 6.86 -13.94 -9.46
N LYS A 200 7.05 -14.55 -10.63
CA LYS A 200 7.84 -15.78 -10.70
C LYS A 200 9.31 -15.51 -10.40
N THR A 201 9.88 -14.44 -10.97
CA THR A 201 11.26 -14.11 -10.67
C THR A 201 11.46 -13.86 -9.18
N THR A 202 10.52 -13.16 -8.56
CA THR A 202 10.63 -12.85 -7.14
C THR A 202 10.58 -14.11 -6.29
N PHE A 203 9.58 -14.97 -6.54
CA PHE A 203 9.47 -16.22 -5.82
C PHE A 203 10.72 -17.08 -6.01
N ASP A 204 11.11 -17.31 -7.27
CA ASP A 204 12.22 -18.20 -7.54
C ASP A 204 13.50 -17.69 -6.88
N GLU A 205 13.73 -16.37 -6.93
CA GLU A 205 14.98 -15.86 -6.38
C GLU A 205 14.98 -15.90 -4.86
N ALA A 206 13.79 -15.80 -4.25
CA ALA A 206 13.71 -15.94 -2.80
C ALA A 206 14.03 -17.38 -2.41
N MET A 207 13.46 -18.34 -3.15
CA MET A 207 13.73 -19.75 -2.91
C MET A 207 15.20 -20.08 -3.15
N ALA A 208 15.79 -19.55 -4.22
CA ALA A 208 17.19 -19.83 -4.50
C ALA A 208 18.09 -19.35 -3.37
N ASP A 209 17.75 -18.24 -2.73
CA ASP A 209 18.55 -17.73 -1.62
C ASP A 209 17.76 -17.83 -0.32
N LEU A 210 17.14 -18.98 -0.08
CA LEU A 210 16.26 -19.12 1.08
C LEU A 210 17.03 -18.96 2.38
N HIS A 211 18.32 -19.27 2.35
CA HIS A 211 19.16 -19.13 3.53
C HIS A 211 19.25 -17.70 4.03
N THR A 212 18.79 -16.71 3.26
CA THR A 212 18.88 -15.33 3.71
C THR A 212 17.69 -14.91 4.58
N LEU A 213 16.75 -15.81 4.85
CA LEU A 213 15.66 -15.49 5.77
C LEU A 213 16.22 -14.98 7.09
N SER A 214 15.57 -13.97 7.64
CA SER A 214 15.99 -13.41 8.91
C SER A 214 15.13 -13.97 10.03
N GLU A 215 15.78 -14.25 11.16
CA GLU A 215 15.05 -14.90 12.23
C GLU A 215 14.01 -13.99 12.88
N ASP A 216 14.10 -12.67 12.76
CA ASP A 216 13.02 -11.85 13.29
C ASP A 216 11.95 -11.51 12.25
N SER A 217 11.93 -12.21 11.12
CA SER A 217 11.31 -11.70 9.91
C SER A 217 10.79 -12.85 9.01
N TYR A 218 11.19 -14.09 9.27
CA TYR A 218 11.00 -15.15 8.28
C TYR A 218 9.53 -15.52 8.11
N LYS A 219 8.69 -15.32 9.13
CA LYS A 219 7.26 -15.63 8.96
C LYS A 219 6.62 -14.68 7.96
N ASP A 220 7.02 -13.40 7.98
CA ASP A 220 6.51 -12.45 7.00
C ASP A 220 6.99 -12.80 5.62
N SER A 221 8.28 -13.13 5.49
CA SER A 221 8.84 -13.50 4.18
C SER A 221 8.08 -14.67 3.58
N THR A 222 7.92 -15.74 4.36
CA THR A 222 7.32 -16.93 3.76
C THR A 222 5.84 -16.71 3.48
N LEU A 223 5.19 -15.80 4.21
CA LEU A 223 3.81 -15.42 3.91
C LEU A 223 3.70 -14.78 2.54
N ILE A 224 4.55 -13.77 2.25
CA ILE A 224 4.53 -13.15 0.92
C ILE A 224 4.91 -14.15 -0.17
N MET A 225 5.89 -15.03 0.09
CA MET A 225 6.24 -16.03 -0.93
C MET A 225 5.02 -16.87 -1.32
N GLN A 226 4.22 -17.26 -0.34
CA GLN A 226 2.99 -18.00 -0.64
C GLN A 226 1.99 -17.14 -1.40
N LEU A 227 1.93 -15.83 -1.10
CA LEU A 227 0.98 -14.98 -1.81
C LEU A 227 1.40 -14.80 -3.27
N LEU A 228 2.71 -14.67 -3.53
CA LEU A 228 3.17 -14.71 -4.91
C LEU A 228 2.75 -16.01 -5.59
N ARG A 229 2.83 -17.12 -4.89
CA ARG A 229 2.44 -18.41 -5.46
C ARG A 229 0.94 -18.42 -5.77
N ASP A 230 0.12 -17.91 -4.86
CA ASP A 230 -1.33 -17.89 -5.10
C ASP A 230 -1.65 -17.06 -6.32
N ASN A 231 -1.04 -15.88 -6.44
CA ASN A 231 -1.27 -15.04 -7.61
C ASN A 231 -0.84 -15.73 -8.88
N LEU A 232 0.32 -16.38 -8.87
CA LEU A 232 0.76 -17.11 -10.05
C LEU A 232 -0.21 -18.23 -10.39
N THR A 233 -0.74 -18.92 -9.38
CA THR A 233 -1.74 -19.95 -9.64
C THR A 233 -3.01 -19.35 -10.23
N LEU A 234 -3.44 -18.22 -9.67
CA LEU A 234 -4.58 -17.50 -10.22
C LEU A 234 -4.30 -17.05 -11.66
N TRP A 235 -3.11 -16.51 -11.91
CA TRP A 235 -2.81 -15.93 -13.21
C TRP A 235 -2.44 -16.96 -14.28
N THR A 236 -2.26 -18.23 -13.92
CA THR A 236 -1.94 -19.28 -14.90
C THR A 236 -2.88 -20.48 -14.79
N GLN B 1 -12.24 -13.15 -9.16
CA GLN B 1 -11.39 -13.09 -7.97
C GLN B 1 -10.13 -12.26 -8.21
N ARG B 2 -9.96 -11.22 -7.42
CA ARG B 2 -8.92 -10.24 -7.68
C ARG B 2 -7.58 -10.70 -7.10
N SER B 3 -6.51 -10.11 -7.62
CA SER B 3 -5.18 -10.48 -7.18
C SER B 3 -5.00 -10.11 -5.71
N THR B 4 -4.13 -10.85 -5.04
CA THR B 4 -3.83 -10.58 -3.64
C THR B 4 -2.60 -9.70 -3.46
N THR B 6 -0.06 -7.24 -0.61
CA THR B 6 0.54 -7.41 0.70
C THR B 6 -0.53 -7.13 1.77
N PRO B 7 -0.68 -8.03 2.74
CA PRO B 7 -1.70 -7.83 3.80
C PRO B 7 -1.20 -7.01 4.97
N ASN B 8 -2.09 -6.71 5.92
CA ASN B 8 -1.66 -6.15 7.21
C ASN B 8 -1.13 -7.23 8.17
N VAL B 9 0.02 -6.98 8.79
CA VAL B 9 0.53 -7.80 9.88
C VAL B 9 1.07 -6.87 10.96
N HIS B 10 0.83 -7.18 12.23
CA HIS B 10 1.38 -6.31 13.29
C HIS B 10 1.88 -7.11 14.49
#